data_1CZI
#
_entry.id   1CZI
#
_cell.length_a   132.780
_cell.length_b   132.780
_cell.length_c   81.950
_cell.angle_alpha   90.00
_cell.angle_beta   90.00
_cell.angle_gamma   120.00
#
_symmetry.space_group_name_H-M   'H 3 2'
#
loop_
_entity.id
_entity.type
_entity.pdbx_description
1 polymer CHYMOSIN
2 polymer 'CP-113972 (NORSTATINE-S-METHYL CYSTEINE-IODO-PHENYLALANINE-PROLINE)'
3 water water
#
loop_
_entity_poly.entity_id
_entity_poly.type
_entity_poly.pdbx_seq_one_letter_code
_entity_poly.pdbx_strand_id
1 'polypeptide(L)'
;GEVASVPLTNYLDSQYFGKIYLGTPPQEFTVLFDTGSSDFWVPSIYCKSNACKNHQRFDPRKSSTFQNLGKPLSIHYGTG
SMQGILGYDTVTVSNIVDIQQTVGLSTQEPGDVFTYAEFDGILGMAYPSLASEYSIPVFDNMMNRHLVAQDLFSVYMDRN
GQESMLTLGAIDPSYYTGSLHWVPVTVQQYWQFTVDSVTISGVVVACEGGCQAILDTGTSKLVGPSSDILNIQQAIGATQ
NQYGEFDIDCDNLSYMPTVVFEINGKMYPLTPSAYTSQDQGFCTSGFQSENHSQKWILGDVFIREYYSVFDRANNLVGLA
KAI
;
E
2 'polypeptide(L)' P(PHI)(SMC)(NOR) P
#
# COMPACT_ATOMS: atom_id res chain seq x y z
N GLY A 1 -4.46 9.75 22.96
CA GLY A 1 -5.16 10.35 21.84
C GLY A 1 -4.32 11.43 21.18
N GLU A 2 -3.77 11.12 20.00
CA GLU A 2 -2.95 12.02 19.22
C GLU A 2 -3.02 11.73 17.74
N VAL A 3 -2.41 12.63 16.96
CA VAL A 3 -2.49 12.50 15.51
C VAL A 3 -1.07 12.46 15.00
N ALA A 4 -0.75 11.87 13.88
CA ALA A 4 0.67 11.75 13.46
C ALA A 4 0.75 11.92 11.94
N SER A 5 1.73 12.72 11.52
CA SER A 5 2.02 12.92 10.11
C SER A 5 3.31 12.19 9.74
N VAL A 6 3.22 11.22 8.84
CA VAL A 6 4.34 10.45 8.33
C VAL A 6 4.64 10.88 6.91
N PRO A 7 5.64 11.76 6.70
CA PRO A 7 6.05 12.04 5.31
C PRO A 7 6.41 10.73 4.60
N LEU A 8 5.79 10.40 3.48
CA LEU A 8 6.17 9.33 2.58
C LEU A 8 7.09 9.73 1.43
N THR A 9 8.20 9.01 1.32
CA THR A 9 9.14 9.13 0.25
C THR A 9 8.76 8.34 -0.98
N ASN A 10 8.94 8.91 -2.16
CA ASN A 10 8.46 8.24 -3.37
C ASN A 10 9.65 7.83 -4.22
N TYR A 11 9.80 6.52 -4.46
CA TYR A 11 10.75 6.02 -5.43
C TYR A 11 10.00 5.54 -6.68
N LEU A 12 10.26 6.22 -7.79
CA LEU A 12 9.73 5.87 -9.09
C LEU A 12 8.26 5.49 -9.11
N ASP A 13 7.48 6.14 -8.25
CA ASP A 13 6.07 5.91 -8.04
C ASP A 13 5.74 4.46 -7.72
N SER A 14 6.74 3.65 -7.36
CA SER A 14 6.40 2.23 -7.20
C SER A 14 6.50 1.82 -5.74
N GLN A 15 7.29 2.59 -5.00
CA GLN A 15 7.44 2.39 -3.57
C GLN A 15 7.30 3.70 -2.81
N TYR A 16 6.47 3.63 -1.79
CA TYR A 16 6.23 4.72 -0.86
C TYR A 16 6.56 4.26 0.55
N PHE A 17 7.56 4.94 1.11
CA PHE A 17 8.02 4.54 2.43
C PHE A 17 8.23 5.75 3.31
N GLY A 18 8.04 5.62 4.60
CA GLY A 18 8.27 6.68 5.56
C GLY A 18 9.25 6.14 6.59
N LYS A 19 9.69 7.03 7.46
CA LYS A 19 10.65 6.71 8.51
C LYS A 19 9.96 6.33 9.81
N ILE A 20 10.57 5.42 10.55
CA ILE A 20 10.06 4.92 11.81
C ILE A 20 11.26 4.51 12.67
N TYR A 21 11.04 4.52 13.98
CA TYR A 21 12.12 4.23 14.90
C TYR A 21 11.68 3.09 15.80
N LEU A 22 12.60 2.20 16.10
CA LEU A 22 12.30 0.95 16.80
C LEU A 22 13.28 0.92 17.98
N GLY A 23 12.75 0.77 19.17
CA GLY A 23 13.40 0.45 20.42
C GLY A 23 13.88 1.70 21.14
N THR A 24 14.62 1.50 22.20
CA THR A 24 15.36 2.53 22.92
C THR A 24 16.77 2.02 23.24
N PRO A 25 17.76 2.84 22.89
CA PRO A 25 17.57 4.03 22.08
C PRO A 25 16.84 3.71 20.78
N PRO A 26 16.04 4.65 20.24
CA PRO A 26 15.48 4.49 18.90
C PRO A 26 16.43 4.16 17.79
N GLN A 27 16.11 3.10 17.05
CA GLN A 27 16.87 2.76 15.86
C GLN A 27 15.98 3.10 14.66
N GLU A 28 16.55 3.64 13.60
CA GLU A 28 15.72 4.22 12.55
C GLU A 28 15.70 3.21 11.39
N PHE A 29 14.54 3.17 10.77
CA PHE A 29 14.10 2.28 9.71
C PHE A 29 13.24 3.09 8.77
N THR A 30 13.34 2.78 7.48
CA THR A 30 12.31 3.19 6.55
C THR A 30 11.34 2.06 6.38
N VAL A 31 10.04 2.36 6.33
CA VAL A 31 9.18 1.16 6.19
C VAL A 31 8.13 1.51 5.14
N LEU A 32 7.89 0.64 4.16
CA LEU A 32 6.70 0.87 3.35
C LEU A 32 5.44 0.61 4.18
N PHE A 33 4.58 1.61 4.34
CA PHE A 33 3.25 1.46 4.89
C PHE A 33 2.31 0.74 3.95
N ASP A 34 2.00 -0.52 4.28
CA ASP A 34 1.30 -1.37 3.31
C ASP A 34 -0.09 -1.68 3.84
N THR A 35 -1.11 -1.19 3.13
CA THR A 35 -2.49 -1.45 3.54
C THR A 35 -2.95 -2.81 3.04
N GLY A 36 -2.11 -3.59 2.38
CA GLY A 36 -2.41 -4.92 1.89
C GLY A 36 -1.85 -6.07 2.69
N SER A 37 -1.35 -5.78 3.88
CA SER A 37 -0.81 -6.75 4.81
C SER A 37 -1.04 -6.24 6.23
N SER A 38 -0.79 -7.07 7.25
CA SER A 38 -0.99 -6.57 8.61
C SER A 38 0.22 -6.75 9.50
N ASP A 39 1.31 -7.29 8.97
CA ASP A 39 2.51 -7.49 9.76
C ASP A 39 3.50 -6.35 9.64
N PHE A 40 4.04 -6.02 10.81
CA PHE A 40 5.12 -5.04 10.87
C PHE A 40 6.41 -5.82 11.07
N TRP A 41 7.32 -5.79 10.10
CA TRP A 41 8.66 -6.29 10.34
C TRP A 41 9.71 -5.30 9.90
N VAL A 42 10.93 -5.45 10.44
CA VAL A 42 12.08 -4.73 9.90
C VAL A 42 13.23 -5.73 9.77
N PRO A 43 14.21 -5.50 8.91
CA PRO A 43 15.39 -6.36 8.92
C PRO A 43 15.96 -6.39 10.33
N SER A 44 16.61 -7.49 10.70
CA SER A 44 17.26 -7.49 12.03
C SER A 44 18.65 -8.13 11.85
N ILE A 45 19.41 -8.13 12.93
CA ILE A 45 20.79 -8.57 12.89
C ILE A 45 20.84 -10.10 12.73
N TYR A 46 19.72 -10.80 12.66
CA TYR A 46 19.76 -12.26 12.60
C TYR A 46 19.62 -12.70 11.14
N CYS A 47 19.53 -11.66 10.30
CA CYS A 47 19.25 -11.94 8.89
C CYS A 47 20.50 -11.68 8.05
N LYS A 48 20.81 -12.67 7.20
CA LYS A 48 22.11 -12.61 6.52
C LYS A 48 21.79 -12.71 5.03
N SER A 49 20.51 -12.52 4.72
CA SER A 49 20.11 -12.34 3.32
C SER A 49 20.69 -11.07 2.76
N ASN A 50 21.07 -11.05 1.49
CA ASN A 50 21.69 -9.88 0.87
C ASN A 50 20.83 -8.64 1.09
N ALA A 51 19.53 -8.89 1.09
CA ALA A 51 18.55 -7.85 1.25
C ALA A 51 18.68 -7.20 2.61
N CYS A 52 19.19 -7.99 3.54
CA CYS A 52 19.48 -7.66 4.91
C CYS A 52 20.78 -6.97 5.20
N LYS A 53 21.86 -7.32 4.52
CA LYS A 53 23.14 -6.66 4.73
C LYS A 53 23.24 -5.31 4.04
N ASN A 54 22.45 -5.12 3.00
CA ASN A 54 22.34 -3.92 2.21
C ASN A 54 21.19 -3.02 2.67
N HIS A 55 20.53 -3.34 3.78
CA HIS A 55 19.47 -2.53 4.39
C HIS A 55 19.74 -2.36 5.86
N GLN A 56 18.91 -1.58 6.54
CA GLN A 56 19.21 -1.41 7.98
C GLN A 56 18.61 -2.57 8.77
N ARG A 57 19.41 -3.12 9.66
CA ARG A 57 19.10 -4.33 10.42
C ARG A 57 18.91 -3.95 11.88
N PHE A 58 17.71 -4.22 12.41
CA PHE A 58 17.50 -3.91 13.83
C PHE A 58 18.34 -4.80 14.73
N ASP A 59 18.92 -4.20 15.77
CA ASP A 59 19.70 -4.94 16.78
C ASP A 59 18.95 -4.93 18.10
N PRO A 60 18.19 -5.98 18.43
CA PRO A 60 17.41 -5.98 19.66
C PRO A 60 18.29 -5.81 20.89
N ARG A 61 19.54 -6.25 20.82
CA ARG A 61 20.49 -6.18 21.91
C ARG A 61 20.77 -4.74 22.33
N LYS A 62 20.71 -3.83 21.39
CA LYS A 62 20.94 -2.42 21.54
C LYS A 62 19.70 -1.69 22.09
N SER A 63 18.57 -2.38 22.20
CA SER A 63 17.30 -1.85 22.64
C SER A 63 16.88 -2.47 23.97
N SER A 64 16.57 -1.60 24.95
CA SER A 64 16.26 -2.13 26.27
C SER A 64 14.77 -2.44 26.39
N THR A 65 13.96 -1.76 25.58
CA THR A 65 12.52 -2.04 25.65
C THR A 65 12.17 -3.25 24.82
N PHE A 66 13.22 -3.85 24.24
CA PHE A 66 12.91 -4.99 23.41
C PHE A 66 12.52 -6.17 24.29
N GLN A 67 11.42 -6.77 23.89
CA GLN A 67 10.98 -7.99 24.55
C GLN A 67 10.81 -9.10 23.53
N ASN A 68 11.57 -10.18 23.72
CA ASN A 68 11.43 -11.31 22.83
C ASN A 68 10.12 -12.06 23.01
N LEU A 69 9.44 -12.28 21.89
CA LEU A 69 8.23 -13.09 21.84
C LEU A 69 8.56 -14.56 21.59
N GLY A 70 9.52 -14.74 20.68
CA GLY A 70 9.96 -16.08 20.38
C GLY A 70 9.25 -16.71 19.21
N LYS A 71 8.07 -16.22 18.87
CA LYS A 71 7.26 -16.88 17.86
C LYS A 71 7.70 -16.44 16.47
N PRO A 72 7.88 -17.40 15.56
CA PRO A 72 8.25 -17.13 14.18
C PRO A 72 7.22 -16.30 13.42
N LEU A 73 7.74 -15.59 12.43
CA LEU A 73 7.09 -14.71 11.48
C LEU A 73 7.48 -15.22 10.08
N SER A 74 6.50 -15.37 9.20
CA SER A 74 6.81 -15.75 7.84
C SER A 74 5.69 -15.24 6.93
N ILE A 75 6.10 -14.39 5.99
CA ILE A 75 5.03 -13.71 5.25
C ILE A 75 5.34 -13.94 3.77
N HIS A 76 4.26 -14.17 3.05
CA HIS A 76 4.30 -14.23 1.59
C HIS A 76 3.38 -13.17 1.01
N TYR A 77 3.99 -12.19 0.36
CA TYR A 77 3.19 -11.24 -0.41
C TYR A 77 2.96 -11.77 -1.81
N GLY A 78 2.47 -10.94 -2.73
CA GLY A 78 2.38 -11.41 -4.12
C GLY A 78 3.74 -11.17 -4.76
N THR A 79 4.50 -10.37 -4.03
CA THR A 79 5.82 -9.94 -4.49
C THR A 79 6.66 -9.78 -3.22
N GLY A 80 7.30 -10.90 -2.89
CA GLY A 80 8.31 -10.86 -1.85
C GLY A 80 8.02 -11.94 -0.83
N SER A 81 8.98 -12.12 0.06
CA SER A 81 8.94 -13.13 1.12
C SER A 81 9.88 -12.71 2.24
N MET A 82 9.40 -12.88 3.47
CA MET A 82 10.30 -12.68 4.59
C MET A 82 9.95 -13.70 5.66
N GLN A 83 11.01 -14.15 6.31
CA GLN A 83 10.86 -14.98 7.52
C GLN A 83 11.45 -14.20 8.68
N GLY A 84 10.86 -14.29 9.86
CA GLY A 84 11.30 -13.51 11.00
C GLY A 84 10.93 -14.23 12.29
N ILE A 85 11.31 -13.61 13.36
CA ILE A 85 11.13 -13.94 14.78
C ILE A 85 10.25 -12.77 15.28
N LEU A 86 9.35 -13.07 16.21
CA LEU A 86 8.50 -12.01 16.69
C LEU A 86 9.06 -11.46 18.00
N GLY A 87 8.86 -10.15 18.18
CA GLY A 87 9.31 -9.56 19.43
C GLY A 87 8.43 -8.33 19.64
N TYR A 88 8.67 -7.66 20.74
CA TYR A 88 8.01 -6.44 21.15
C TYR A 88 9.09 -5.37 21.39
N ASP A 89 8.64 -4.16 21.14
CA ASP A 89 9.50 -3.01 21.37
C ASP A 89 8.65 -1.79 21.06
N THR A 90 9.28 -0.64 21.21
CA THR A 90 8.62 0.65 21.07
C THR A 90 8.86 1.15 19.65
N VAL A 91 7.78 1.36 18.92
CA VAL A 91 7.85 1.94 17.58
C VAL A 91 7.41 3.39 17.68
N THR A 92 8.26 4.31 17.22
CA THR A 92 7.82 5.69 17.15
C THR A 92 7.47 6.02 15.70
N VAL A 93 6.18 6.09 15.44
CA VAL A 93 5.71 6.53 14.14
C VAL A 93 5.37 8.02 14.14
N SER A 94 6.43 8.82 14.00
CA SER A 94 6.21 10.26 13.93
C SER A 94 6.20 10.87 15.32
N ASN A 95 5.01 11.15 15.83
CA ASN A 95 4.87 11.76 17.15
C ASN A 95 3.98 10.88 18.02
N ILE A 96 3.65 9.74 17.43
CA ILE A 96 2.95 8.70 18.14
C ILE A 96 3.88 7.54 18.52
N VAL A 97 4.25 7.49 19.79
CA VAL A 97 5.03 6.41 20.37
C VAL A 97 4.13 5.21 20.66
N ASP A 98 4.38 4.10 19.97
CA ASP A 98 3.50 2.94 20.03
C ASP A 98 4.18 1.82 20.81
N ILE A 99 4.09 1.93 22.12
CA ILE A 99 4.65 1.05 23.14
C ILE A 99 4.21 -0.38 22.95
N GLN A 100 5.10 -1.29 23.30
CA GLN A 100 4.91 -2.72 23.35
C GLN A 100 4.21 -3.25 22.11
N GLN A 101 4.85 -2.93 20.98
CA GLN A 101 4.35 -3.27 19.67
C GLN A 101 5.10 -4.48 19.15
N THR A 102 4.32 -5.47 18.76
CA THR A 102 4.76 -6.66 18.09
C THR A 102 5.37 -6.28 16.76
N VAL A 103 6.66 -6.58 16.58
CA VAL A 103 7.39 -6.29 15.36
C VAL A 103 8.18 -7.52 14.94
N GLY A 104 8.16 -7.85 13.67
CA GLY A 104 8.85 -9.04 13.18
C GLY A 104 10.30 -8.65 12.99
N LEU A 105 11.23 -9.52 13.35
CA LEU A 105 12.65 -9.33 13.07
C LEU A 105 13.02 -10.30 11.95
N SER A 106 13.35 -9.78 10.76
CA SER A 106 13.62 -10.65 9.62
C SER A 106 14.87 -11.48 9.93
N THR A 107 14.75 -12.71 9.46
CA THR A 107 15.68 -13.80 9.66
C THR A 107 16.25 -14.19 8.30
N GLN A 108 15.35 -14.17 7.31
CA GLN A 108 15.77 -14.42 5.94
C GLN A 108 14.78 -13.73 5.01
N GLU A 109 15.28 -12.96 4.05
CA GLU A 109 14.39 -12.37 3.03
C GLU A 109 14.87 -12.82 1.65
N PRO A 110 14.60 -14.08 1.30
CA PRO A 110 15.17 -14.70 0.09
C PRO A 110 14.59 -14.00 -1.13
N GLY A 111 15.27 -14.10 -2.26
CA GLY A 111 14.80 -13.36 -3.44
C GLY A 111 15.39 -11.96 -3.47
N ASP A 112 15.01 -11.20 -4.48
CA ASP A 112 15.64 -9.90 -4.70
C ASP A 112 14.60 -8.79 -4.60
N VAL A 113 13.39 -9.09 -4.15
CA VAL A 113 12.32 -8.12 -4.10
C VAL A 113 12.65 -7.03 -3.10
N PHE A 114 13.06 -7.45 -1.90
CA PHE A 114 13.44 -6.42 -0.93
C PHE A 114 14.85 -5.92 -1.13
N THR A 115 15.71 -6.71 -1.74
CA THR A 115 17.14 -6.44 -1.95
C THR A 115 17.38 -5.09 -2.63
N TYR A 116 16.56 -4.79 -3.63
CA TYR A 116 16.77 -3.57 -4.42
C TYR A 116 15.71 -2.55 -4.08
N ALA A 117 14.93 -2.92 -3.07
CA ALA A 117 13.95 -2.06 -2.44
C ALA A 117 14.63 -0.90 -1.73
N GLU A 118 14.00 0.25 -1.72
CA GLU A 118 14.43 1.48 -1.10
C GLU A 118 14.26 1.44 0.41
N PHE A 119 13.35 0.58 0.87
CA PHE A 119 13.03 0.67 2.31
C PHE A 119 13.46 -0.66 2.94
N ASP A 120 13.46 -0.65 4.25
CA ASP A 120 14.01 -1.73 5.07
C ASP A 120 12.93 -2.76 5.35
N GLY A 121 11.79 -2.29 5.86
CA GLY A 121 10.78 -3.24 6.27
C GLY A 121 9.42 -2.75 5.82
N ILE A 122 8.42 -3.55 6.17
CA ILE A 122 7.04 -3.23 5.82
C ILE A 122 6.22 -3.12 7.10
N LEU A 123 5.26 -2.21 7.05
CA LEU A 123 4.34 -1.92 8.14
C LEU A 123 2.90 -2.10 7.67
N GLY A 124 2.39 -3.29 7.94
CA GLY A 124 1.06 -3.60 7.43
C GLY A 124 -0.02 -2.78 8.13
N MET A 125 -1.09 -2.50 7.40
CA MET A 125 -2.14 -1.58 7.75
C MET A 125 -3.51 -2.16 7.44
N ALA A 126 -3.49 -3.44 7.06
CA ALA A 126 -4.73 -4.18 6.82
C ALA A 126 -5.43 -4.51 8.13
N TYR A 127 -6.44 -5.38 8.14
CA TYR A 127 -7.13 -5.77 9.36
C TYR A 127 -6.33 -6.76 10.17
N PRO A 128 -6.63 -6.90 11.47
CA PRO A 128 -5.95 -7.90 12.29
C PRO A 128 -6.04 -9.31 11.70
N SER A 129 -7.19 -9.63 11.13
CA SER A 129 -7.50 -10.91 10.54
C SER A 129 -6.46 -11.31 9.49
N LEU A 130 -5.63 -10.37 9.06
CA LEU A 130 -4.66 -10.63 8.00
C LEU A 130 -3.29 -10.81 8.65
N ALA A 131 -3.23 -10.37 9.90
CA ALA A 131 -2.00 -10.39 10.67
C ALA A 131 -1.69 -11.83 11.08
N SER A 132 -0.38 -12.12 11.11
CA SER A 132 0.12 -13.41 11.50
C SER A 132 -0.29 -13.68 12.95
N GLU A 133 -0.28 -14.94 13.33
CA GLU A 133 -0.41 -15.36 14.71
C GLU A 133 0.59 -14.69 15.62
N TYR A 134 0.08 -14.30 16.79
CA TYR A 134 0.98 -13.72 17.79
C TYR A 134 1.26 -12.27 17.45
N SER A 135 0.87 -11.85 16.24
CA SER A 135 1.30 -10.54 15.76
C SER A 135 0.10 -9.59 15.87
N ILE A 136 0.32 -8.35 16.27
CA ILE A 136 -0.81 -7.43 16.42
C ILE A 136 -0.56 -6.28 15.45
N PRO A 137 -1.47 -5.98 14.53
CA PRO A 137 -1.08 -4.92 13.58
C PRO A 137 -0.83 -3.64 14.35
N VAL A 138 0.06 -2.79 13.87
CA VAL A 138 0.53 -1.56 14.47
C VAL A 138 -0.57 -0.54 14.75
N PHE A 139 -1.46 -0.36 13.76
CA PHE A 139 -2.54 0.60 13.96
C PHE A 139 -3.47 0.08 15.05
N ASP A 140 -3.67 -1.22 15.07
CA ASP A 140 -4.42 -1.96 16.08
C ASP A 140 -3.92 -1.80 17.49
N ASN A 141 -2.59 -1.83 17.64
CA ASN A 141 -2.03 -1.53 18.95
C ASN A 141 -2.28 -0.08 19.32
N MET A 142 -2.24 0.78 18.32
CA MET A 142 -2.52 2.19 18.51
C MET A 142 -3.93 2.49 18.99
N MET A 143 -4.93 1.88 18.37
CA MET A 143 -6.33 1.97 18.75
C MET A 143 -6.66 1.40 20.12
N ASN A 144 -6.18 0.21 20.41
CA ASN A 144 -6.36 -0.45 21.70
C ASN A 144 -5.76 0.38 22.83
N ARG A 145 -4.65 1.06 22.54
CA ARG A 145 -3.95 1.90 23.53
C ARG A 145 -4.46 3.33 23.42
N HIS A 146 -5.41 3.48 22.48
CA HIS A 146 -6.01 4.77 22.22
C HIS A 146 -5.02 5.90 22.03
N LEU A 147 -4.12 5.73 21.06
CA LEU A 147 -3.04 6.70 20.88
C LEU A 147 -3.36 7.51 19.64
N VAL A 148 -4.43 7.05 18.95
CA VAL A 148 -4.83 7.82 17.77
C VAL A 148 -6.06 8.63 18.10
N ALA A 149 -6.13 9.85 17.59
CA ALA A 149 -7.27 10.76 17.83
C ALA A 149 -8.55 10.01 17.43
N GLN A 150 -8.48 9.54 16.20
CA GLN A 150 -9.56 8.71 15.64
C GLN A 150 -8.92 7.48 15.01
N ASP A 151 -9.70 6.39 14.95
CA ASP A 151 -9.24 5.13 14.41
C ASP A 151 -9.33 5.13 12.88
N LEU A 152 -8.57 6.07 12.36
CA LEU A 152 -8.53 6.43 10.95
C LEU A 152 -7.05 6.77 10.63
N PHE A 153 -6.66 6.37 9.45
CA PHE A 153 -5.42 6.72 8.80
C PHE A 153 -5.65 7.07 7.33
N SER A 154 -4.97 8.12 6.84
CA SER A 154 -5.25 8.57 5.48
C SER A 154 -3.94 8.65 4.70
N VAL A 155 -4.02 8.33 3.41
CA VAL A 155 -2.92 8.30 2.46
C VAL A 155 -3.10 9.23 1.27
N TYR A 156 -2.07 10.00 0.94
CA TYR A 156 -2.02 10.89 -0.21
C TYR A 156 -0.75 10.56 -1.01
N MET A 157 -0.67 10.58 -2.33
CA MET A 157 0.57 10.22 -3.01
C MET A 157 1.05 10.90 -4.28
N ASP A 158 2.06 11.78 -4.47
CA ASP A 158 3.13 11.58 -5.47
C ASP A 158 4.00 12.79 -5.86
N ARG A 159 5.22 12.59 -6.29
CA ARG A 159 6.39 13.08 -6.94
C ARG A 159 6.85 14.52 -6.80
N ASN A 160 8.11 14.77 -7.12
CA ASN A 160 9.00 15.87 -7.35
C ASN A 160 9.05 16.98 -6.31
N GLY A 161 10.20 17.52 -5.95
CA GLY A 161 10.28 18.60 -5.00
C GLY A 161 9.53 18.38 -3.69
N GLN A 162 8.86 17.31 -3.46
CA GLN A 162 7.78 16.39 -3.35
C GLN A 162 7.36 15.98 -1.94
N GLU A 163 6.11 15.48 -1.78
CA GLU A 163 5.62 15.30 -0.43
C GLU A 163 4.46 14.34 -0.29
N SER A 164 4.64 13.03 -0.40
CA SER A 164 3.51 12.15 -0.08
C SER A 164 3.31 12.03 1.42
N MET A 165 2.08 11.71 1.84
CA MET A 165 1.83 11.81 3.28
C MET A 165 0.85 10.77 3.76
N LEU A 166 1.29 10.04 4.79
CA LEU A 166 0.41 9.23 5.60
C LEU A 166 0.00 9.88 6.91
N THR A 167 -1.30 10.06 7.14
CA THR A 167 -1.70 10.74 8.39
C THR A 167 -2.43 9.73 9.29
N LEU A 168 -2.09 9.74 10.57
CA LEU A 168 -2.69 8.85 11.55
C LEU A 168 -3.54 9.60 12.56
N GLY A 169 -4.83 9.25 12.63
CA GLY A 169 -5.71 9.87 13.60
C GLY A 169 -6.58 10.94 12.97
N ALA A 170 -6.23 11.26 11.74
CA ALA A 170 -6.84 12.41 11.09
C ALA A 170 -6.84 12.27 9.57
N ILE A 171 -7.49 13.24 8.92
CA ILE A 171 -7.52 13.40 7.48
C ILE A 171 -7.04 14.81 7.12
N ASP A 172 -6.15 14.97 6.14
CA ASP A 172 -5.69 16.29 5.74
C ASP A 172 -6.40 16.77 4.48
N PRO A 173 -7.32 17.73 4.64
CA PRO A 173 -8.22 18.09 3.56
C PRO A 173 -7.44 18.82 2.47
N SER A 174 -6.20 19.20 2.76
CA SER A 174 -5.40 19.93 1.81
C SER A 174 -4.78 19.02 0.76
N TYR A 175 -5.04 17.74 0.98
CA TYR A 175 -4.50 16.70 0.10
C TYR A 175 -5.59 16.26 -0.86
N TYR A 176 -6.82 16.76 -0.69
CA TYR A 176 -7.83 16.40 -1.65
C TYR A 176 -8.75 17.56 -1.97
N THR A 177 -9.43 17.36 -3.08
CA THR A 177 -10.32 18.37 -3.65
C THR A 177 -11.68 17.68 -3.69
N GLY A 178 -12.71 18.49 -3.69
CA GLY A 178 -14.06 17.98 -3.67
C GLY A 178 -14.42 17.56 -2.26
N SER A 179 -15.20 16.48 -2.22
CA SER A 179 -15.66 15.85 -0.98
C SER A 179 -15.22 14.39 -0.96
N LEU A 180 -14.96 13.85 0.23
CA LEU A 180 -14.72 12.46 0.56
C LEU A 180 -16.03 11.66 0.47
N HIS A 181 -15.99 10.60 -0.28
CA HIS A 181 -17.02 9.60 -0.52
C HIS A 181 -16.61 8.32 0.19
N TRP A 182 -17.49 7.85 1.06
CA TRP A 182 -17.21 6.71 1.88
C TRP A 182 -17.75 5.41 1.34
N VAL A 183 -16.81 4.50 1.13
CA VAL A 183 -17.14 3.19 0.59
C VAL A 183 -17.05 2.20 1.73
N PRO A 184 -18.14 1.46 2.00
CA PRO A 184 -18.13 0.51 3.09
C PRO A 184 -17.19 -0.64 2.78
N VAL A 185 -16.37 -1.02 3.75
CA VAL A 185 -15.54 -2.21 3.55
C VAL A 185 -16.37 -3.48 3.75
N THR A 186 -16.48 -4.31 2.72
CA THR A 186 -17.33 -5.48 2.72
C THR A 186 -16.67 -6.57 3.56
N VAL A 187 -15.50 -6.99 3.14
CA VAL A 187 -14.75 -8.04 3.84
C VAL A 187 -13.59 -7.42 4.60
N GLN A 188 -13.70 -7.46 5.93
CA GLN A 188 -12.59 -6.95 6.74
C GLN A 188 -11.46 -7.96 6.85
N GLN A 189 -10.47 -7.80 5.96
CA GLN A 189 -9.21 -8.53 5.97
C GLN A 189 -8.17 -7.59 5.33
N TYR A 190 -8.50 -7.32 4.09
CA TYR A 190 -7.97 -6.35 3.17
C TYR A 190 -8.86 -5.12 3.30
N TRP A 191 -8.42 -3.98 2.79
CA TRP A 191 -9.37 -2.85 2.68
C TRP A 191 -10.12 -3.07 1.36
N GLN A 192 -11.04 -4.01 1.55
CA GLN A 192 -11.88 -4.51 0.50
C GLN A 192 -13.24 -3.81 0.52
N PHE A 193 -13.71 -3.60 -0.71
CA PHE A 193 -14.95 -2.89 -0.91
C PHE A 193 -15.41 -3.27 -2.31
N THR A 194 -16.67 -2.98 -2.56
CA THR A 194 -17.25 -3.29 -3.86
C THR A 194 -17.06 -2.14 -4.84
N VAL A 195 -16.73 -2.52 -6.06
CA VAL A 195 -16.64 -1.61 -7.21
C VAL A 195 -17.82 -1.93 -8.11
N ASP A 196 -18.72 -0.97 -8.24
CA ASP A 196 -19.95 -1.19 -9.01
C ASP A 196 -19.66 -1.67 -10.42
N SER A 197 -18.67 -1.04 -11.04
CA SER A 197 -18.34 -1.45 -12.42
C SER A 197 -17.18 -0.61 -12.92
N VAL A 198 -16.58 -1.06 -14.02
CA VAL A 198 -15.51 -0.34 -14.70
C VAL A 198 -15.98 0.02 -16.11
N THR A 199 -16.04 1.33 -16.35
CA THR A 199 -16.64 1.84 -17.57
C THR A 199 -15.57 2.61 -18.35
N ILE A 200 -15.78 2.61 -19.65
CA ILE A 200 -15.06 3.29 -20.69
C ILE A 200 -16.16 3.85 -21.63
N SER A 201 -16.59 5.05 -21.30
CA SER A 201 -17.56 5.82 -22.07
C SER A 201 -18.96 5.26 -21.84
N GLY A 202 -19.16 4.97 -20.56
CA GLY A 202 -20.38 4.43 -20.01
C GLY A 202 -20.49 2.95 -20.22
N VAL A 203 -19.63 2.39 -21.06
CA VAL A 203 -19.55 0.96 -21.30
C VAL A 203 -18.72 0.25 -20.25
N VAL A 204 -19.26 -0.78 -19.61
CA VAL A 204 -18.57 -1.64 -18.65
C VAL A 204 -17.62 -2.61 -19.38
N VAL A 205 -16.33 -2.41 -19.20
CA VAL A 205 -15.28 -3.19 -19.85
C VAL A 205 -14.89 -4.37 -18.97
N ALA A 206 -15.22 -4.15 -17.70
CA ALA A 206 -14.81 -5.09 -16.66
C ALA A 206 -15.65 -4.90 -15.42
N CYS A 207 -15.52 -5.84 -14.50
CA CYS A 207 -16.25 -5.65 -13.25
C CYS A 207 -17.75 -5.60 -13.41
N GLU A 208 -18.27 -6.40 -14.34
CA GLU A 208 -19.71 -6.52 -14.53
C GLU A 208 -20.40 -7.31 -13.42
N GLY A 209 -21.43 -6.71 -12.86
CA GLY A 209 -22.22 -7.18 -11.76
C GLY A 209 -21.74 -6.60 -10.45
N GLY A 210 -20.52 -6.08 -10.53
CA GLY A 210 -19.80 -5.66 -9.35
C GLY A 210 -18.60 -6.56 -9.10
N CYS A 211 -17.56 -6.00 -8.52
CA CYS A 211 -16.42 -6.87 -8.19
C CYS A 211 -15.79 -6.35 -6.89
N GLN A 212 -14.90 -7.14 -6.30
CA GLN A 212 -14.34 -6.77 -5.00
C GLN A 212 -12.95 -6.21 -5.32
N ALA A 213 -12.62 -5.11 -4.67
CA ALA A 213 -11.30 -4.48 -4.86
C ALA A 213 -10.77 -4.11 -3.47
N ILE A 214 -9.46 -4.10 -3.33
CA ILE A 214 -8.82 -3.73 -2.06
C ILE A 214 -7.89 -2.54 -2.32
N LEU A 215 -7.99 -1.58 -1.42
CA LEU A 215 -7.15 -0.39 -1.49
C LEU A 215 -5.78 -0.78 -0.94
N ASP A 216 -4.76 -0.86 -1.79
CA ASP A 216 -3.48 -1.41 -1.30
C ASP A 216 -2.36 -0.46 -1.69
N THR A 217 -1.84 0.28 -0.71
CA THR A 217 -0.71 1.17 -0.96
C THR A 217 0.54 0.35 -1.31
N GLY A 218 0.59 -0.94 -0.98
CA GLY A 218 1.82 -1.68 -1.22
C GLY A 218 1.82 -2.28 -2.60
N THR A 219 0.77 -2.05 -3.38
CA THR A 219 0.66 -2.50 -4.77
C THR A 219 0.86 -1.29 -5.67
N SER A 220 1.82 -1.35 -6.57
CA SER A 220 2.23 -0.19 -7.38
C SER A 220 1.25 0.04 -8.51
N LYS A 221 0.72 -1.05 -9.06
CA LYS A 221 -0.18 -0.83 -10.17
C LYS A 221 -1.63 -1.01 -9.82
N LEU A 222 -2.36 -1.15 -10.93
CA LEU A 222 -3.76 -1.45 -10.72
C LEU A 222 -4.00 -2.86 -11.26
N VAL A 223 -3.99 -3.82 -10.33
CA VAL A 223 -4.16 -5.22 -10.68
C VAL A 223 -5.62 -5.59 -10.82
N GLY A 224 -5.95 -6.30 -11.87
CA GLY A 224 -7.25 -6.92 -12.02
C GLY A 224 -7.06 -8.28 -12.67
N PRO A 225 -8.12 -9.07 -12.60
CA PRO A 225 -8.18 -10.40 -13.23
C PRO A 225 -7.71 -10.33 -14.68
N SER A 226 -6.99 -11.33 -15.15
CA SER A 226 -6.47 -11.52 -16.48
C SER A 226 -7.40 -11.02 -17.60
N SER A 227 -8.55 -11.65 -17.73
CA SER A 227 -9.52 -11.40 -18.79
C SER A 227 -9.92 -9.93 -18.78
N ASP A 228 -10.33 -9.45 -17.62
CA ASP A 228 -10.76 -8.06 -17.50
C ASP A 228 -9.64 -7.10 -17.84
N ILE A 229 -8.43 -7.40 -17.40
CA ILE A 229 -7.40 -6.38 -17.65
C ILE A 229 -6.99 -6.45 -19.11
N LEU A 230 -7.15 -7.65 -19.69
CA LEU A 230 -6.93 -7.75 -21.13
C LEU A 230 -7.84 -6.81 -21.92
N ASN A 231 -9.14 -6.97 -21.71
CA ASN A 231 -10.19 -6.15 -22.28
C ASN A 231 -9.97 -4.67 -22.00
N ILE A 232 -9.38 -4.32 -20.87
CA ILE A 232 -8.96 -2.94 -20.63
C ILE A 232 -7.75 -2.52 -21.45
N GLN A 233 -6.67 -3.29 -21.46
CA GLN A 233 -5.53 -3.01 -22.32
C GLN A 233 -5.93 -2.84 -23.77
N GLN A 234 -6.85 -3.63 -24.30
CA GLN A 234 -7.26 -3.44 -25.69
C GLN A 234 -8.23 -2.28 -25.88
N ALA A 235 -9.00 -1.92 -24.86
CA ALA A 235 -10.04 -0.88 -24.92
C ALA A 235 -9.42 0.52 -24.89
N ILE A 236 -8.17 0.57 -24.46
CA ILE A 236 -7.39 1.77 -24.30
C ILE A 236 -6.46 2.06 -25.46
N GLY A 237 -5.82 1.02 -26.00
CA GLY A 237 -4.87 1.21 -27.07
C GLY A 237 -3.57 0.48 -26.86
N ALA A 238 -3.42 -0.21 -25.73
CA ALA A 238 -2.18 -0.88 -25.40
C ALA A 238 -1.96 -2.05 -26.36
N THR A 239 -0.74 -2.55 -26.33
CA THR A 239 -0.23 -3.64 -27.15
C THR A 239 0.61 -4.54 -26.27
N GLN A 240 0.73 -5.84 -26.55
CA GLN A 240 1.67 -6.67 -25.78
C GLN A 240 3.11 -6.66 -26.32
N ASN A 241 4.11 -6.49 -25.46
CA ASN A 241 5.50 -6.17 -25.71
C ASN A 241 6.25 -7.35 -26.36
N GLN A 242 7.53 -7.12 -26.59
CA GLN A 242 8.52 -7.98 -27.21
C GLN A 242 9.70 -8.34 -26.32
N TYR A 243 9.31 -9.02 -25.25
CA TYR A 243 10.00 -9.43 -24.09
C TYR A 243 9.11 -9.25 -22.84
N GLY A 244 7.86 -9.62 -23.06
CA GLY A 244 6.69 -9.66 -22.24
C GLY A 244 6.25 -8.31 -21.68
N GLU A 245 4.97 -7.97 -21.86
CA GLU A 245 4.42 -6.76 -21.26
C GLU A 245 3.33 -6.06 -22.08
N PHE A 246 2.88 -4.87 -21.66
CA PHE A 246 1.84 -4.11 -22.37
C PHE A 246 2.30 -2.65 -22.51
N ASP A 247 2.34 -2.10 -23.72
CA ASP A 247 2.90 -0.78 -23.95
C ASP A 247 1.84 0.22 -24.40
N ILE A 248 2.08 1.48 -24.10
CA ILE A 248 1.17 2.57 -24.47
C ILE A 248 2.00 3.60 -25.23
N ASP A 249 1.47 4.01 -26.37
CA ASP A 249 2.03 5.12 -27.13
C ASP A 249 1.74 6.47 -26.50
N CYS A 250 2.76 7.01 -25.84
CA CYS A 250 2.87 8.26 -25.13
C CYS A 250 2.32 9.49 -25.86
N ASP A 251 2.36 9.44 -27.18
CA ASP A 251 1.89 10.54 -28.03
C ASP A 251 0.38 10.39 -28.25
N ASN A 252 -0.19 9.29 -27.77
CA ASN A 252 -1.56 8.90 -28.01
C ASN A 252 -2.49 9.13 -26.82
N LEU A 253 -2.02 9.72 -25.71
CA LEU A 253 -2.86 9.90 -24.53
C LEU A 253 -4.18 10.61 -24.82
N SER A 254 -4.11 11.76 -25.45
CA SER A 254 -5.20 12.60 -25.91
C SER A 254 -6.27 11.79 -26.63
N TYR A 255 -5.84 10.68 -27.23
CA TYR A 255 -6.86 9.95 -28.02
C TYR A 255 -7.32 8.75 -27.20
N MET A 256 -6.67 8.52 -26.06
CA MET A 256 -7.10 7.36 -25.30
C MET A 256 -8.16 7.77 -24.29
N PRO A 257 -8.94 6.73 -23.91
CA PRO A 257 -10.10 6.85 -23.04
C PRO A 257 -9.82 7.02 -21.57
N THR A 258 -10.91 7.46 -20.92
CA THR A 258 -10.86 7.51 -19.46
C THR A 258 -11.56 6.27 -18.88
N VAL A 259 -10.82 5.53 -18.07
CA VAL A 259 -11.22 4.31 -17.39
C VAL A 259 -11.85 4.71 -16.05
N VAL A 260 -13.17 4.65 -15.97
CA VAL A 260 -13.90 5.10 -14.80
C VAL A 260 -14.27 3.90 -13.91
N PHE A 261 -13.78 3.95 -12.67
CA PHE A 261 -14.15 2.98 -11.66
C PHE A 261 -15.39 3.48 -10.93
N GLU A 262 -16.51 2.73 -11.02
CA GLU A 262 -17.64 3.20 -10.22
C GLU A 262 -17.60 2.52 -8.86
N ILE A 263 -17.64 3.34 -7.81
CA ILE A 263 -17.60 2.84 -6.44
C ILE A 263 -18.68 3.54 -5.61
N ASN A 264 -19.70 2.78 -5.26
CA ASN A 264 -20.84 3.29 -4.51
C ASN A 264 -21.68 4.33 -5.22
N GLY A 265 -21.96 4.18 -6.51
CA GLY A 265 -22.71 5.23 -7.20
C GLY A 265 -21.89 6.43 -7.61
N LYS A 266 -20.64 6.50 -7.17
CA LYS A 266 -19.74 7.55 -7.53
C LYS A 266 -18.66 7.11 -8.51
N MET A 267 -18.29 7.98 -9.44
CA MET A 267 -17.36 7.70 -10.51
C MET A 267 -15.93 8.10 -10.17
N TYR A 268 -15.04 7.13 -10.34
CA TYR A 268 -13.61 7.30 -10.14
C TYR A 268 -12.83 7.05 -11.42
N PRO A 269 -12.87 8.07 -12.30
CA PRO A 269 -12.15 8.03 -13.57
C PRO A 269 -10.65 7.93 -13.34
N LEU A 270 -9.95 7.21 -14.21
CA LEU A 270 -8.49 7.23 -14.25
C LEU A 270 -8.05 7.64 -15.65
N THR A 271 -7.71 8.92 -15.80
CA THR A 271 -7.28 9.43 -17.10
C THR A 271 -6.12 8.68 -17.67
N PRO A 272 -5.98 8.72 -18.99
CA PRO A 272 -4.81 8.10 -19.62
C PRO A 272 -3.50 8.55 -19.03
N SER A 273 -3.50 9.71 -18.38
CA SER A 273 -2.24 10.07 -17.72
C SER A 273 -2.05 9.31 -16.42
N ALA A 274 -3.16 9.03 -15.72
CA ALA A 274 -3.06 8.31 -14.44
C ALA A 274 -2.71 6.84 -14.66
N TYR A 275 -3.27 6.26 -15.70
CA TYR A 275 -3.13 4.84 -15.99
C TYR A 275 -2.00 4.59 -16.97
N THR A 276 -1.09 5.55 -17.00
CA THR A 276 0.02 5.45 -17.93
C THR A 276 1.26 6.06 -17.28
N SER A 277 2.27 5.21 -17.11
CA SER A 277 3.55 5.60 -16.52
C SER A 277 4.55 5.73 -17.67
N GLN A 278 5.16 6.91 -17.73
CA GLN A 278 6.13 7.19 -18.75
C GLN A 278 7.59 7.16 -18.27
N ASP A 279 8.38 6.50 -19.10
CA ASP A 279 9.83 6.42 -18.97
C ASP A 279 10.42 7.06 -20.25
N GLN A 280 10.31 8.37 -20.29
CA GLN A 280 10.86 9.28 -21.26
C GLN A 280 10.89 8.70 -22.66
N GLY A 281 9.75 8.67 -23.33
CA GLY A 281 9.65 8.04 -24.63
C GLY A 281 8.85 6.76 -24.60
N PHE A 282 9.00 5.95 -23.56
CA PHE A 282 8.38 4.66 -23.37
C PHE A 282 7.30 4.72 -22.30
N CYS A 283 6.05 4.50 -22.70
CA CYS A 283 4.93 4.48 -21.78
C CYS A 283 4.33 3.08 -21.71
N THR A 284 4.05 2.66 -20.49
CA THR A 284 3.47 1.34 -20.26
C THR A 284 2.12 1.49 -19.53
N SER A 285 1.35 0.40 -19.51
CA SER A 285 0.05 0.39 -18.84
C SER A 285 0.26 0.29 -17.32
N GLY A 286 -0.51 1.04 -16.57
CA GLY A 286 -0.51 0.94 -15.11
C GLY A 286 -1.50 -0.16 -14.72
N PHE A 287 -2.01 -0.86 -15.73
CA PHE A 287 -2.88 -1.99 -15.47
C PHE A 287 -2.05 -3.28 -15.53
N GLN A 288 -2.21 -4.08 -14.49
CA GLN A 288 -1.48 -5.35 -14.34
C GLN A 288 -2.57 -6.41 -14.15
N SER A 289 -2.45 -7.54 -14.82
CA SER A 289 -3.42 -8.63 -14.66
C SER A 289 -2.93 -9.64 -13.62
N GLU A 290 -3.85 -10.41 -13.02
CA GLU A 290 -3.39 -11.35 -11.98
C GLU A 290 -3.42 -12.75 -12.62
N ASN A 291 -2.30 -13.42 -12.67
CA ASN A 291 -1.97 -14.73 -13.25
C ASN A 291 -3.23 -15.62 -13.28
N HIS A 292 -3.96 -15.50 -12.17
CA HIS A 292 -5.29 -16.07 -11.99
C HIS A 292 -6.37 -15.01 -12.23
N SER A 293 -6.90 -14.49 -11.11
CA SER A 293 -8.03 -13.56 -11.24
C SER A 293 -8.74 -13.38 -9.89
N GLN A 294 -9.91 -12.77 -10.00
CA GLN A 294 -10.82 -12.57 -8.90
C GLN A 294 -10.82 -11.17 -8.34
N LYS A 295 -9.87 -10.88 -7.45
CA LYS A 295 -9.96 -9.62 -6.71
C LYS A 295 -9.17 -8.55 -7.47
N TRP A 296 -9.69 -7.34 -7.56
CA TRP A 296 -9.00 -6.18 -8.10
C TRP A 296 -8.19 -5.44 -7.03
N ILE A 297 -6.93 -5.14 -7.34
CA ILE A 297 -6.12 -4.40 -6.38
C ILE A 297 -5.87 -3.00 -6.93
N LEU A 298 -6.34 -2.03 -6.15
CA LEU A 298 -6.20 -0.64 -6.49
C LEU A 298 -4.94 -0.09 -5.83
N GLY A 299 -3.86 -0.10 -6.58
CA GLY A 299 -2.54 0.31 -6.18
C GLY A 299 -2.25 1.79 -6.22
N ASP A 300 -0.97 2.13 -6.29
CA ASP A 300 -0.53 3.51 -6.12
C ASP A 300 -0.94 4.31 -7.36
N VAL A 301 -1.32 3.56 -8.39
CA VAL A 301 -1.84 4.12 -9.63
C VAL A 301 -3.20 4.75 -9.37
N PHE A 302 -4.00 4.07 -8.55
CA PHE A 302 -5.32 4.61 -8.21
C PHE A 302 -5.19 5.59 -7.04
N ILE A 303 -4.35 5.15 -6.08
CA ILE A 303 -4.10 5.91 -4.87
C ILE A 303 -3.49 7.25 -5.17
N ARG A 304 -2.76 7.29 -6.28
CA ARG A 304 -2.08 8.55 -6.60
C ARG A 304 -3.14 9.55 -7.02
N GLU A 305 -4.23 8.97 -7.54
CA GLU A 305 -5.28 9.83 -8.07
C GLU A 305 -6.32 10.16 -7.02
N TYR A 306 -6.45 9.33 -5.99
CA TYR A 306 -7.58 9.40 -5.08
C TYR A 306 -7.09 9.27 -3.67
N TYR A 307 -7.19 10.37 -2.95
CA TYR A 307 -6.81 10.44 -1.55
C TYR A 307 -7.69 9.48 -0.77
N SER A 308 -7.03 8.48 -0.19
CA SER A 308 -7.74 7.37 0.41
C SER A 308 -7.65 7.51 1.92
N VAL A 309 -8.79 7.20 2.55
CA VAL A 309 -8.87 7.33 4.01
C VAL A 309 -9.39 5.96 4.50
N PHE A 310 -8.68 5.29 5.38
CA PHE A 310 -8.98 3.96 5.91
C PHE A 310 -9.48 4.13 7.33
N ASP A 311 -10.79 3.98 7.49
CA ASP A 311 -11.45 4.21 8.77
C ASP A 311 -11.76 2.88 9.46
N ARG A 312 -11.04 2.59 10.53
CA ARG A 312 -11.13 1.32 11.25
C ARG A 312 -12.34 1.36 12.17
N ALA A 313 -12.60 2.55 12.67
CA ALA A 313 -13.75 2.83 13.51
C ALA A 313 -15.07 2.38 12.90
N ASN A 314 -15.25 2.64 11.62
CA ASN A 314 -16.53 2.44 10.96
C ASN A 314 -16.37 1.49 9.79
N ASN A 315 -15.13 1.05 9.58
CA ASN A 315 -14.86 0.11 8.51
C ASN A 315 -15.33 0.69 7.18
N LEU A 316 -14.96 1.94 6.96
CA LEU A 316 -15.09 2.74 5.77
C LEU A 316 -13.75 3.06 5.12
N VAL A 317 -13.85 3.13 3.81
CA VAL A 317 -12.80 3.71 2.97
C VAL A 317 -13.32 4.99 2.32
N GLY A 318 -12.74 6.11 2.74
CA GLY A 318 -13.10 7.37 2.14
C GLY A 318 -12.24 7.72 0.97
N LEU A 319 -12.89 8.05 -0.13
CA LEU A 319 -12.20 8.34 -1.37
C LEU A 319 -12.50 9.77 -1.78
N ALA A 320 -11.48 10.49 -2.22
CA ALA A 320 -11.64 11.86 -2.69
C ALA A 320 -10.55 12.15 -3.73
N LYS A 321 -10.86 13.10 -4.58
CA LYS A 321 -9.93 13.60 -5.58
C LYS A 321 -8.64 14.13 -5.01
N ALA A 322 -7.54 13.43 -5.22
CA ALA A 322 -6.24 13.88 -4.77
C ALA A 322 -5.94 15.27 -5.31
N ILE A 323 -5.30 16.07 -4.47
CA ILE A 323 -4.80 17.36 -4.92
C ILE A 323 -3.69 17.20 -5.95
N PRO B 1 6.51 -3.41 -11.03
CA PRO B 1 5.60 -3.21 -9.89
C PRO B 1 5.73 -4.36 -8.89
#